data_5U46
#
_entry.id   5U46
#
_cell.length_a   39.860
_cell.length_b   94.140
_cell.length_c   96.470
_cell.angle_alpha   90.00
_cell.angle_beta   96.77
_cell.angle_gamma   90.00
#
_symmetry.space_group_name_H-M   'P 1 21 1'
#
loop_
_entity.id
_entity.type
_entity.pdbx_description
1 polymer 'Peroxisome proliferator-activated receptor delta'
2 non-polymer 'heptyl beta-D-glucopyranoside'
3 non-polymer S-1,2-PROPANEDIOL
4 non-polymer DI(HYDROXYETHYL)ETHER
5 non-polymer '{2-methyl-4-[({4-methyl-2-[4-(trifluoromethyl)phenyl]-1,3-thiazol-5-yl}methyl)sulfanyl]phenoxy}acetic acid'
6 water water
#
_entity_poly.entity_id   1
_entity_poly.type   'polypeptide(L)'
_entity_poly.pdbx_seq_one_letter_code
;PQVADLKAFSKHIYNAYLKNFNMTKKKARSILTGKASHTAPFVIHDIETLWQAEKGLVWKQLVNGLPPYKEISVHVFYRC
QCTTVETVRELTEFAKSIPSFSSLFLNDQVTLLKYGVHEAIFAMLASIVNKDGLLVANGSGFVTREFLRSLRKPFSDIIE
PKFEFAVKFNALELDDSDLALFIAAIILCGDRPGLMNVPRVEAIQDTILRALEFHLQANHPDAQYLFPKLLQKMADLRQL
VTEHAQMMQRIKKTETETSLHPLLQEIYKDMY
;
_entity_poly.pdbx_strand_id   A,B
#
loop_
_chem_comp.id
_chem_comp.type
_chem_comp.name
_chem_comp.formula
7T1 non-polymer '{2-methyl-4-[({4-methyl-2-[4-(trifluoromethyl)phenyl]-1,3-thiazol-5-yl}methyl)sulfanyl]phenoxy}acetic acid' 'C21 H18 F3 N O3 S2'
B7G D-saccharide 'heptyl beta-D-glucopyranoside' 'C13 H26 O6'
PEG non-polymer DI(HYDROXYETHYL)ETHER 'C4 H10 O3'
PGO non-polymer S-1,2-PROPANEDIOL 'C3 H8 O2'
#
# COMPACT_ATOMS: atom_id res chain seq x y z
N PRO A 1 32.27 6.14 -9.57
CA PRO A 1 31.19 5.96 -8.60
C PRO A 1 30.34 4.73 -8.87
N GLN A 2 29.98 4.52 -10.13
CA GLN A 2 28.92 3.60 -10.51
C GLN A 2 29.15 2.14 -10.09
N VAL A 3 30.16 1.49 -10.66
CA VAL A 3 30.33 0.05 -10.50
C VAL A 3 30.39 -0.38 -9.02
N ALA A 4 31.09 0.40 -8.20
CA ALA A 4 31.21 0.11 -6.78
C ALA A 4 29.89 0.41 -6.05
N ASP A 5 29.24 1.50 -6.44
CA ASP A 5 27.96 1.90 -5.84
C ASP A 5 26.90 0.83 -6.11
N LEU A 6 26.93 0.29 -7.34
CA LEU A 6 25.90 -0.67 -7.77
C LEU A 6 26.14 -2.06 -7.21
N LYS A 7 27.39 -2.37 -6.87
CA LYS A 7 27.71 -3.67 -6.27
C LYS A 7 27.14 -3.71 -4.87
N ALA A 8 27.22 -2.59 -4.16
CA ALA A 8 26.62 -2.46 -2.84
C ALA A 8 25.11 -2.53 -2.95
N PHE A 9 24.57 -1.86 -3.96
CA PHE A 9 23.14 -1.87 -4.25
C PHE A 9 22.67 -3.29 -4.52
N SER A 10 23.43 -4.01 -5.34
CA SER A 10 23.11 -5.40 -5.68
C SER A 10 23.14 -6.29 -4.45
N LYS A 11 24.17 -6.12 -3.63
CA LYS A 11 24.35 -6.92 -2.43
C LYS A 11 23.16 -6.79 -1.48
N HIS A 12 22.64 -5.57 -1.37
CA HIS A 12 21.50 -5.29 -0.50
C HIS A 12 20.26 -6.02 -0.99
N ILE A 13 20.01 -5.97 -2.30
CA ILE A 13 18.83 -6.61 -2.86
C ILE A 13 18.96 -8.13 -2.79
N TYR A 14 20.17 -8.64 -2.91
CA TYR A 14 20.42 -10.07 -2.78
C TYR A 14 20.11 -10.51 -1.36
N ASN A 15 20.48 -9.68 -0.39
CA ASN A 15 20.19 -9.97 1.01
C ASN A 15 18.69 -9.92 1.30
N ALA A 16 17.99 -8.98 0.67
CA ALA A 16 16.55 -8.88 0.79
C ALA A 16 15.89 -10.12 0.19
N TYR A 17 16.48 -10.61 -0.89
CA TYR A 17 15.99 -11.79 -1.59
C TYR A 17 16.14 -13.04 -0.72
N LEU A 18 17.30 -13.20 -0.09
CA LEU A 18 17.55 -14.35 0.77
C LEU A 18 16.71 -14.29 2.04
N LYS A 19 16.43 -13.08 2.50
CA LYS A 19 15.68 -12.88 3.74
C LYS A 19 14.21 -13.24 3.59
N ASN A 20 13.64 -13.00 2.41
CA ASN A 20 12.19 -13.09 2.22
C ASN A 20 11.69 -14.29 1.41
N PHE A 21 12.61 -15.03 0.79
CA PHE A 21 12.23 -16.23 0.03
C PHE A 21 12.79 -17.49 0.67
N ASN A 22 11.89 -18.35 1.12
CA ASN A 22 12.26 -19.58 1.81
C ASN A 22 13.06 -20.51 0.89
N MET A 23 12.54 -20.74 -0.31
CA MET A 23 13.17 -21.64 -1.28
C MET A 23 14.03 -20.88 -2.28
N THR A 24 15.34 -21.00 -2.13
CA THR A 24 16.27 -20.44 -3.11
C THR A 24 16.42 -21.39 -4.28
N LYS A 25 16.95 -20.89 -5.39
CA LYS A 25 17.24 -21.75 -6.52
C LYS A 25 18.32 -22.75 -6.13
N LYS A 26 19.23 -22.33 -5.26
CA LYS A 26 20.29 -23.20 -4.77
C LYS A 26 19.70 -24.38 -4.01
N LYS A 27 18.80 -24.08 -3.07
CA LYS A 27 18.12 -25.11 -2.30
C LYS A 27 17.31 -26.01 -3.23
N ALA A 28 16.60 -25.40 -4.17
CA ALA A 28 15.74 -26.15 -5.08
C ALA A 28 16.53 -27.12 -5.94
N ARG A 29 17.65 -26.66 -6.50
CA ARG A 29 18.45 -27.48 -7.41
C ARG A 29 19.06 -28.69 -6.69
N SER A 30 19.40 -28.52 -5.43
CA SER A 30 19.97 -29.61 -4.64
C SER A 30 18.93 -30.72 -4.45
N ILE A 31 17.68 -30.32 -4.21
CA ILE A 31 16.59 -31.28 -4.04
C ILE A 31 16.27 -31.94 -5.38
N LEU A 32 16.22 -31.14 -6.44
CA LEU A 32 15.95 -31.66 -7.78
C LEU A 32 17.09 -32.56 -8.28
N THR A 33 18.17 -32.61 -7.53
CA THR A 33 19.27 -33.54 -7.80
C THR A 33 19.65 -34.31 -6.54
N ALA A 40 15.06 -35.76 -1.03
CA ALA A 40 14.35 -36.79 -1.77
C ALA A 40 12.84 -36.62 -1.63
N PRO A 41 12.23 -35.83 -2.53
CA PRO A 41 10.82 -35.45 -2.39
C PRO A 41 9.83 -36.53 -2.82
N PHE A 42 8.64 -36.49 -2.21
CA PHE A 42 7.59 -37.44 -2.53
C PHE A 42 6.91 -37.08 -3.86
N VAL A 43 6.89 -38.03 -4.78
CA VAL A 43 6.39 -37.78 -6.12
C VAL A 43 4.87 -37.89 -6.20
N ILE A 44 4.23 -36.78 -6.58
CA ILE A 44 2.79 -36.74 -6.82
C ILE A 44 2.54 -36.85 -8.32
N HIS A 45 1.89 -37.93 -8.74
CA HIS A 45 1.68 -38.18 -10.16
C HIS A 45 0.28 -38.72 -10.49
N ASP A 46 -0.56 -38.86 -9.46
CA ASP A 46 -1.95 -39.29 -9.65
C ASP A 46 -2.79 -38.99 -8.42
N ILE A 47 -4.07 -39.39 -8.46
CA ILE A 47 -4.99 -39.09 -7.37
C ILE A 47 -4.54 -39.71 -6.05
N GLU A 48 -4.13 -40.97 -6.09
CA GLU A 48 -3.72 -41.66 -4.88
C GLU A 48 -2.54 -40.95 -4.21
N THR A 49 -1.53 -40.62 -4.98
CA THR A 49 -0.32 -40.01 -4.43
C THR A 49 -0.59 -38.59 -3.94
N LEU A 50 -1.51 -37.88 -4.58
CA LEU A 50 -1.89 -36.56 -4.11
C LEU A 50 -2.65 -36.68 -2.79
N TRP A 51 -3.52 -37.67 -2.70
CA TRP A 51 -4.25 -37.93 -1.46
C TRP A 51 -3.28 -38.24 -0.34
N GLN A 52 -2.30 -39.07 -0.63
CA GLN A 52 -1.26 -39.42 0.33
C GLN A 52 -0.42 -38.19 0.68
N ALA A 53 -0.19 -37.33 -0.31
CA ALA A 53 0.59 -36.12 -0.08
C ALA A 53 -0.15 -35.17 0.85
N GLU A 54 -1.46 -35.04 0.64
CA GLU A 54 -2.28 -34.14 1.44
C GLU A 54 -2.32 -34.59 2.90
N LYS A 55 -2.21 -35.90 3.10
CA LYS A 55 -2.16 -36.47 4.44
C LYS A 55 -0.73 -36.46 4.99
N GLY A 56 0.22 -36.78 4.12
CA GLY A 56 1.59 -36.99 4.54
C GLY A 56 2.44 -35.74 4.63
N LEU A 57 2.41 -34.93 3.58
CA LEU A 57 3.27 -33.74 3.50
C LEU A 57 2.72 -32.58 4.31
N VAL A 58 3.59 -31.60 4.56
CA VAL A 58 3.25 -30.42 5.33
C VAL A 58 3.11 -29.21 4.40
N TRP A 59 1.88 -28.75 4.24
CA TRP A 59 1.58 -27.61 3.36
C TRP A 59 1.48 -26.33 4.16
N LYS A 60 1.71 -25.20 3.51
CA LYS A 60 1.60 -23.89 4.15
C LYS A 60 0.14 -23.59 4.45
N GLN A 61 -0.73 -23.92 3.50
CA GLN A 61 -2.17 -23.75 3.67
C GLN A 61 -2.83 -25.09 3.97
N LEU A 62 -3.49 -25.18 5.12
CA LEU A 62 -4.12 -26.42 5.55
C LEU A 62 -5.29 -26.79 4.63
N VAL A 63 -5.48 -28.08 4.42
CA VAL A 63 -6.45 -28.58 3.45
C VAL A 63 -7.88 -28.18 3.81
N ASN A 64 -8.19 -28.14 5.10
CA ASN A 64 -9.53 -27.82 5.56
C ASN A 64 -9.88 -26.36 5.28
N GLY A 65 -8.86 -25.55 5.00
CA GLY A 65 -9.04 -24.15 4.68
C GLY A 65 -9.49 -23.96 3.24
N LEU A 66 -9.19 -24.94 2.39
CA LEU A 66 -9.58 -24.88 0.99
C LEU A 66 -11.05 -25.28 0.81
N PRO A 67 -11.65 -24.93 -0.33
CA PRO A 67 -13.06 -25.28 -0.59
C PRO A 67 -13.29 -26.79 -0.61
N PRO A 68 -14.54 -27.22 -0.45
CA PRO A 68 -14.85 -28.66 -0.40
C PRO A 68 -14.44 -29.38 -1.69
N TYR A 69 -13.86 -30.57 -1.54
CA TYR A 69 -13.34 -31.32 -2.67
C TYR A 69 -14.44 -31.72 -3.64
N LYS A 70 -14.25 -31.38 -4.92
CA LYS A 70 -15.17 -31.77 -5.98
C LYS A 70 -14.47 -32.73 -6.93
N GLU A 71 -13.36 -32.28 -7.50
CA GLU A 71 -12.61 -33.06 -8.47
C GLU A 71 -11.13 -32.71 -8.44
N ILE A 72 -10.31 -33.56 -9.05
CA ILE A 72 -8.86 -33.42 -8.99
C ILE A 72 -8.38 -32.13 -9.68
N SER A 73 -8.96 -31.81 -10.83
CA SER A 73 -8.55 -30.65 -11.61
C SER A 73 -8.78 -29.35 -10.85
N VAL A 74 -9.92 -29.25 -10.18
CA VAL A 74 -10.27 -28.05 -9.43
C VAL A 74 -9.44 -27.96 -8.14
N HIS A 75 -9.12 -29.10 -7.55
CA HIS A 75 -8.30 -29.11 -6.34
C HIS A 75 -6.89 -28.59 -6.62
N VAL A 76 -6.30 -29.07 -7.71
CA VAL A 76 -5.00 -28.58 -8.16
C VAL A 76 -5.07 -27.08 -8.43
N PHE A 77 -6.16 -26.66 -9.07
CA PHE A 77 -6.39 -25.25 -9.37
C PHE A 77 -6.38 -24.41 -8.09
N TYR A 78 -7.00 -24.92 -7.04
CA TYR A 78 -7.01 -24.22 -5.77
C TYR A 78 -5.64 -24.24 -5.11
N ARG A 79 -4.88 -25.32 -5.32
CA ARG A 79 -3.53 -25.42 -4.79
C ARG A 79 -2.61 -24.42 -5.48
N CYS A 80 -2.86 -24.16 -6.75
CA CYS A 80 -2.10 -23.15 -7.50
C CYS A 80 -2.34 -21.77 -6.89
N GLN A 81 -3.60 -21.47 -6.56
CA GLN A 81 -3.95 -20.19 -5.97
C GLN A 81 -3.26 -20.01 -4.62
N CYS A 82 -3.23 -21.07 -3.82
CA CYS A 82 -2.60 -21.03 -2.51
C CYS A 82 -1.12 -20.71 -2.62
N THR A 83 -0.44 -21.37 -3.55
CA THR A 83 0.98 -21.14 -3.75
C THR A 83 1.22 -19.72 -4.27
N THR A 84 0.35 -19.27 -5.16
CA THR A 84 0.46 -17.93 -5.74
C THR A 84 0.33 -16.86 -4.65
N VAL A 85 -0.72 -16.97 -3.84
CA VAL A 85 -0.96 -16.02 -2.76
C VAL A 85 0.20 -15.99 -1.77
N GLU A 86 0.80 -17.15 -1.52
CA GLU A 86 1.94 -17.22 -0.62
C GLU A 86 3.15 -16.51 -1.22
N THR A 87 3.38 -16.70 -2.52
CA THR A 87 4.51 -16.07 -3.18
C THR A 87 4.31 -14.56 -3.27
N VAL A 88 3.06 -14.13 -3.47
CA VAL A 88 2.74 -12.70 -3.49
C VAL A 88 3.06 -12.07 -2.14
N ARG A 89 2.85 -12.83 -1.06
CA ARG A 89 3.16 -12.35 0.27
C ARG A 89 4.66 -12.12 0.42
N GLU A 90 5.46 -13.06 -0.09
CA GLU A 90 6.91 -12.96 0.02
C GLU A 90 7.47 -11.88 -0.91
N LEU A 91 6.86 -11.72 -2.08
CA LEU A 91 7.25 -10.68 -3.02
C LEU A 91 6.98 -9.29 -2.45
N THR A 92 5.92 -9.19 -1.65
CA THR A 92 5.55 -7.92 -1.04
C THR A 92 6.58 -7.52 0.02
N GLU A 93 7.02 -8.48 0.83
CA GLU A 93 8.01 -8.20 1.86
C GLU A 93 9.39 -7.99 1.23
N PHE A 94 9.65 -8.71 0.15
CA PHE A 94 10.89 -8.51 -0.62
C PHE A 94 10.95 -7.08 -1.15
N ALA A 95 9.86 -6.64 -1.75
CA ALA A 95 9.77 -5.28 -2.28
C ALA A 95 9.92 -4.26 -1.16
N LYS A 96 9.23 -4.48 -0.05
CA LYS A 96 9.26 -3.57 1.08
C LYS A 96 10.64 -3.53 1.75
N SER A 97 11.45 -4.55 1.50
CA SER A 97 12.80 -4.59 2.04
C SER A 97 13.79 -3.85 1.13
N ILE A 98 13.29 -3.32 0.03
CA ILE A 98 14.09 -2.48 -0.87
C ILE A 98 13.77 -1.01 -0.58
N PRO A 99 14.73 -0.27 0.02
CA PRO A 99 14.48 1.10 0.46
C PRO A 99 13.82 2.01 -0.57
N SER A 100 14.27 1.95 -1.82
CA SER A 100 13.73 2.81 -2.87
C SER A 100 12.26 2.48 -3.17
N PHE A 101 11.89 1.22 -2.99
CA PHE A 101 10.49 0.82 -3.19
C PHE A 101 9.62 1.38 -2.07
N SER A 102 10.08 1.22 -0.84
CA SER A 102 9.31 1.66 0.33
C SER A 102 9.25 3.18 0.44
N SER A 103 10.01 3.87 -0.40
CA SER A 103 10.00 5.33 -0.44
C SER A 103 8.86 5.84 -1.31
N LEU A 104 8.39 5.00 -2.23
CA LEU A 104 7.24 5.32 -3.06
C LEU A 104 6.00 5.50 -2.20
N PHE A 105 5.05 6.30 -2.68
CA PHE A 105 3.75 6.39 -2.01
C PHE A 105 3.08 5.03 -2.05
N LEU A 106 2.31 4.73 -1.01
CA LEU A 106 1.75 3.40 -0.81
C LEU A 106 0.89 2.94 -1.99
N ASN A 107 0.19 3.86 -2.63
CA ASN A 107 -0.65 3.52 -3.76
C ASN A 107 0.19 3.05 -4.96
N ASP A 108 1.36 3.65 -5.14
CA ASP A 108 2.26 3.21 -6.21
C ASP A 108 2.88 1.85 -5.90
N GLN A 109 3.16 1.61 -4.62
CA GLN A 109 3.64 0.30 -4.19
C GLN A 109 2.65 -0.79 -4.59
N VAL A 110 1.37 -0.54 -4.29
CA VAL A 110 0.30 -1.48 -4.62
C VAL A 110 0.16 -1.66 -6.13
N THR A 111 0.28 -0.57 -6.87
CA THR A 111 0.18 -0.64 -8.33
C THR A 111 1.29 -1.48 -8.94
N LEU A 112 2.51 -1.33 -8.45
CA LEU A 112 3.65 -2.10 -8.95
C LEU A 112 3.49 -3.58 -8.60
N LEU A 113 3.05 -3.87 -7.39
CA LEU A 113 2.86 -5.25 -6.98
C LEU A 113 1.72 -5.90 -7.78
N LYS A 114 0.61 -5.17 -7.91
CA LYS A 114 -0.54 -5.67 -8.65
C LYS A 114 -0.18 -6.17 -10.04
N TYR A 115 0.54 -5.35 -10.80
CA TYR A 115 0.84 -5.65 -12.19
C TYR A 115 2.19 -6.35 -12.37
N GLY A 116 2.89 -6.58 -11.27
CA GLY A 116 4.24 -7.13 -11.32
C GLY A 116 4.39 -8.56 -10.81
N VAL A 117 3.63 -8.92 -9.78
CA VAL A 117 3.88 -10.19 -9.08
C VAL A 117 3.77 -11.43 -9.95
N HIS A 118 2.81 -11.47 -10.88
CA HIS A 118 2.64 -12.66 -11.72
C HIS A 118 3.83 -12.88 -12.65
N GLU A 119 4.38 -11.79 -13.19
CA GLU A 119 5.60 -11.88 -13.99
C GLU A 119 6.73 -12.43 -13.14
N ALA A 120 6.83 -11.93 -11.92
CA ALA A 120 7.90 -12.34 -11.01
C ALA A 120 7.73 -13.79 -10.57
N ILE A 121 6.48 -14.19 -10.35
CA ILE A 121 6.17 -15.54 -9.92
C ILE A 121 6.57 -16.55 -10.99
N PHE A 122 6.21 -16.27 -12.24
CA PHE A 122 6.55 -17.16 -13.35
C PHE A 122 8.07 -17.20 -13.58
N ALA A 123 8.74 -16.10 -13.27
CA ALA A 123 10.20 -16.06 -13.38
C ALA A 123 10.85 -16.90 -12.29
N MET A 124 10.36 -16.75 -11.06
CA MET A 124 10.89 -17.51 -9.93
C MET A 124 10.47 -18.97 -9.99
N LEU A 125 9.37 -19.23 -10.70
CA LEU A 125 8.84 -20.58 -10.83
C LEU A 125 9.85 -21.53 -11.45
N ALA A 126 10.68 -21.01 -12.35
CA ALA A 126 11.69 -21.81 -13.03
C ALA A 126 12.68 -22.42 -12.05
N SER A 127 12.94 -21.70 -10.95
CA SER A 127 13.92 -22.13 -9.96
C SER A 127 13.58 -23.50 -9.36
N ILE A 128 12.29 -23.81 -9.25
CA ILE A 128 11.83 -25.04 -8.62
C ILE A 128 11.25 -26.01 -9.65
N VAL A 129 11.62 -25.82 -10.91
CA VAL A 129 11.07 -26.59 -12.02
C VAL A 129 12.15 -27.24 -12.85
N ASN A 130 11.93 -28.50 -13.26
CA ASN A 130 12.68 -29.08 -14.36
C ASN A 130 11.70 -29.59 -15.39
N LYS A 131 12.21 -30.23 -16.44
CA LYS A 131 11.37 -30.64 -17.55
C LYS A 131 10.31 -31.67 -17.14
N ASP A 132 10.50 -32.28 -15.97
CA ASP A 132 9.66 -33.41 -15.54
C ASP A 132 8.59 -33.02 -14.52
N GLY A 133 8.76 -31.90 -13.83
CA GLY A 133 7.80 -31.48 -12.83
C GLY A 133 8.26 -30.30 -12.01
N LEU A 134 7.60 -30.06 -10.87
CA LEU A 134 7.93 -28.93 -10.00
C LEU A 134 7.79 -29.29 -8.53
N LEU A 135 8.58 -28.63 -7.70
CA LEU A 135 8.58 -28.85 -6.26
C LEU A 135 7.38 -28.18 -5.59
N VAL A 136 6.80 -28.88 -4.62
CA VAL A 136 5.69 -28.32 -3.84
C VAL A 136 5.92 -28.60 -2.36
N ALA A 137 5.17 -27.90 -1.51
CA ALA A 137 5.23 -28.11 -0.07
C ALA A 137 6.65 -27.94 0.46
N ASN A 138 7.28 -26.81 0.12
CA ASN A 138 8.62 -26.49 0.59
C ASN A 138 9.66 -27.51 0.14
N GLY A 139 9.45 -28.09 -1.04
CA GLY A 139 10.37 -29.07 -1.60
C GLY A 139 10.16 -30.48 -1.08
N SER A 140 9.12 -30.68 -0.28
CA SER A 140 8.80 -32.00 0.25
C SER A 140 8.16 -32.88 -0.81
N GLY A 141 7.47 -32.25 -1.75
CA GLY A 141 6.77 -32.96 -2.81
C GLY A 141 7.24 -32.54 -4.18
N PHE A 142 7.00 -33.40 -5.16
CA PHE A 142 7.36 -33.13 -6.54
C PHE A 142 6.22 -33.58 -7.45
N VAL A 143 5.48 -32.60 -7.97
N VAL A 143 5.46 -32.61 -7.95
CA VAL A 143 4.34 -32.87 -8.84
CA VAL A 143 4.33 -32.92 -8.82
C VAL A 143 4.82 -32.99 -10.28
C VAL A 143 4.81 -33.00 -10.26
N THR A 144 4.48 -34.10 -10.93
CA THR A 144 4.94 -34.34 -12.30
C THR A 144 4.21 -33.51 -13.33
N ARG A 145 4.93 -33.17 -14.39
CA ARG A 145 4.41 -32.38 -15.50
C ARG A 145 3.31 -33.13 -16.26
N GLU A 146 3.50 -34.44 -16.42
CA GLU A 146 2.54 -35.29 -17.08
C GLU A 146 1.20 -35.32 -16.36
N PHE A 147 1.25 -35.44 -15.03
CA PHE A 147 0.05 -35.43 -14.21
C PHE A 147 -0.72 -34.11 -14.38
N LEU A 148 0.01 -33.01 -14.46
CA LEU A 148 -0.62 -31.71 -14.64
C LEU A 148 -1.21 -31.59 -16.05
N ARG A 149 -0.59 -32.24 -17.03
CA ARG A 149 -1.12 -32.31 -18.38
C ARG A 149 -2.42 -33.10 -18.45
N SER A 150 -2.58 -34.04 -17.52
CA SER A 150 -3.70 -34.99 -17.56
C SER A 150 -4.99 -34.41 -16.99
N LEU A 151 -4.92 -33.21 -16.44
CA LEU A 151 -6.11 -32.56 -15.91
C LEU A 151 -7.07 -32.24 -17.05
N ARG A 152 -8.36 -32.10 -16.75
CA ARG A 152 -9.32 -31.83 -17.80
C ARG A 152 -9.22 -30.37 -18.24
N LYS A 153 -9.61 -30.09 -19.47
CA LYS A 153 -9.72 -28.71 -19.92
C LYS A 153 -10.71 -27.98 -19.02
N PRO A 154 -10.46 -26.69 -18.76
CA PRO A 154 -9.38 -25.82 -19.24
C PRO A 154 -8.14 -25.81 -18.35
N PHE A 155 -8.10 -26.67 -17.33
CA PHE A 155 -7.07 -26.56 -16.29
C PHE A 155 -5.69 -27.07 -16.72
N SER A 156 -5.67 -28.03 -17.64
CA SER A 156 -4.40 -28.59 -18.09
C SER A 156 -3.57 -27.60 -18.90
N ASP A 157 -4.25 -26.72 -19.63
CA ASP A 157 -3.59 -25.83 -20.57
C ASP A 157 -2.93 -24.63 -19.90
N ILE A 158 -3.27 -24.37 -18.64
CA ILE A 158 -2.77 -23.19 -17.95
C ILE A 158 -1.31 -23.34 -17.57
N ILE A 159 -0.94 -24.53 -17.12
CA ILE A 159 0.34 -24.74 -16.46
C ILE A 159 1.46 -25.08 -17.45
N GLU A 160 1.11 -25.74 -18.55
CA GLU A 160 2.12 -26.21 -19.49
C GLU A 160 2.98 -25.07 -20.08
N PRO A 161 2.37 -23.93 -20.42
CA PRO A 161 3.18 -22.81 -20.92
C PRO A 161 4.25 -22.33 -19.94
N LYS A 162 4.00 -22.48 -18.64
CA LYS A 162 4.96 -22.04 -17.64
C LYS A 162 6.17 -22.97 -17.62
N PHE A 163 5.94 -24.25 -17.90
CA PHE A 163 7.02 -25.21 -18.02
C PHE A 163 7.90 -24.90 -19.22
N GLU A 164 7.25 -24.60 -20.34
CA GLU A 164 7.97 -24.28 -21.57
C GLU A 164 8.86 -23.07 -21.41
N PHE A 165 8.37 -22.05 -20.71
CA PHE A 165 9.15 -20.85 -20.43
C PHE A 165 10.32 -21.15 -19.49
N ALA A 166 10.02 -21.94 -18.46
CA ALA A 166 10.98 -22.22 -17.39
C ALA A 166 12.20 -22.98 -17.90
N VAL A 167 11.98 -23.94 -18.79
CA VAL A 167 13.07 -24.78 -19.27
C VAL A 167 14.04 -23.94 -20.10
N LYS A 168 13.50 -23.04 -20.92
CA LYS A 168 14.33 -22.13 -21.69
C LYS A 168 15.01 -21.12 -20.77
N PHE A 169 14.29 -20.68 -19.75
CA PHE A 169 14.82 -19.70 -18.81
C PHE A 169 15.97 -20.29 -18.00
N ASN A 170 15.82 -21.54 -17.59
CA ASN A 170 16.86 -22.22 -16.80
C ASN A 170 18.12 -22.49 -17.60
N ALA A 171 18.02 -22.42 -18.92
CA ALA A 171 19.17 -22.64 -19.78
C ALA A 171 20.16 -21.47 -19.69
N LEU A 172 19.68 -20.34 -19.19
CA LEU A 172 20.55 -19.17 -19.00
C LEU A 172 21.43 -19.35 -17.75
N GLU A 173 21.04 -20.27 -16.87
CA GLU A 173 21.83 -20.63 -15.69
C GLU A 173 22.08 -19.46 -14.75
N LEU A 174 21.03 -18.69 -14.45
CA LEU A 174 21.14 -17.63 -13.46
C LEU A 174 21.18 -18.23 -12.05
N ASP A 175 21.95 -17.61 -11.16
CA ASP A 175 21.92 -17.99 -9.75
C ASP A 175 21.05 -17.00 -8.97
N ASP A 176 20.95 -17.19 -7.66
CA ASP A 176 20.06 -16.39 -6.84
C ASP A 176 20.43 -14.91 -6.84
N SER A 177 21.73 -14.61 -6.95
CA SER A 177 22.18 -13.22 -6.94
C SER A 177 21.71 -12.49 -8.19
N ASP A 178 21.68 -13.20 -9.31
CA ASP A 178 21.17 -12.65 -10.57
C ASP A 178 19.65 -12.46 -10.47
N LEU A 179 18.98 -13.47 -9.94
CA LEU A 179 17.53 -13.48 -9.84
C LEU A 179 17.01 -12.35 -8.96
N ALA A 180 17.72 -12.06 -7.87
CA ALA A 180 17.29 -11.00 -6.96
C ALA A 180 17.14 -9.68 -7.70
N LEU A 181 18.14 -9.36 -8.53
CA LEU A 181 18.10 -8.13 -9.32
C LEU A 181 17.07 -8.21 -10.44
N PHE A 182 16.96 -9.39 -11.05
CA PHE A 182 16.02 -9.60 -12.15
C PHE A 182 14.58 -9.43 -11.67
N ILE A 183 14.25 -10.02 -10.52
CA ILE A 183 12.92 -9.89 -9.95
C ILE A 183 12.64 -8.45 -9.52
N ALA A 184 13.63 -7.81 -8.89
CA ALA A 184 13.49 -6.43 -8.46
C ALA A 184 13.17 -5.52 -9.64
N ALA A 185 13.77 -5.82 -10.79
CA ALA A 185 13.57 -5.00 -11.99
C ALA A 185 12.17 -5.19 -12.56
N ILE A 186 11.59 -6.36 -12.33
CA ILE A 186 10.24 -6.65 -12.77
C ILE A 186 9.20 -5.92 -11.93
N ILE A 187 9.41 -5.88 -10.61
CA ILE A 187 8.51 -5.19 -9.71
C ILE A 187 8.58 -3.68 -9.95
N LEU A 188 9.79 -3.13 -9.88
CA LEU A 188 9.99 -1.69 -10.10
C LEU A 188 10.07 -1.40 -11.59
N CYS A 189 8.89 -1.29 -12.21
CA CYS A 189 8.75 -1.11 -13.64
C CYS A 189 7.86 0.08 -13.94
N GLY A 190 8.38 1.03 -14.71
CA GLY A 190 7.67 2.28 -14.95
C GLY A 190 6.50 2.20 -15.90
N ASP A 191 6.29 1.03 -16.51
CA ASP A 191 5.27 0.87 -17.55
C ASP A 191 3.89 0.52 -17.00
N ARG A 192 3.79 0.26 -15.70
CA ARG A 192 2.54 -0.25 -15.14
C ARG A 192 1.41 0.78 -15.24
N PRO A 193 0.18 0.31 -15.55
CA PRO A 193 -0.94 1.24 -15.70
C PRO A 193 -1.32 1.95 -14.40
N GLY A 194 -1.70 3.22 -14.50
CA GLY A 194 -2.21 3.95 -13.35
C GLY A 194 -1.16 4.39 -12.37
N LEU A 195 0.11 4.22 -12.71
CA LEU A 195 1.20 4.69 -11.86
C LEU A 195 1.12 6.20 -11.68
N MET A 196 1.44 6.66 -10.49
CA MET A 196 1.36 8.08 -10.17
C MET A 196 2.66 8.80 -10.53
N ASN A 197 3.78 8.30 -10.01
CA ASN A 197 5.09 8.91 -10.23
C ASN A 197 5.97 8.06 -11.15
N VAL A 198 5.70 8.14 -12.44
CA VAL A 198 6.42 7.32 -13.43
C VAL A 198 7.92 7.64 -13.49
N PRO A 199 8.30 8.93 -13.53
CA PRO A 199 9.72 9.25 -13.61
C PRO A 199 10.55 8.66 -12.48
N ARG A 200 9.99 8.69 -11.27
CA ARG A 200 10.68 8.16 -10.10
C ARG A 200 10.89 6.65 -10.22
N VAL A 201 9.84 5.93 -10.61
CA VAL A 201 9.92 4.49 -10.77
C VAL A 201 10.86 4.10 -11.91
N GLU A 202 10.78 4.83 -13.02
CA GLU A 202 11.66 4.60 -14.16
C GLU A 202 13.12 4.79 -13.76
N ALA A 203 13.36 5.77 -12.88
CA ALA A 203 14.72 6.04 -12.41
C ALA A 203 15.25 4.90 -11.55
N ILE A 204 14.40 4.38 -10.67
CA ILE A 204 14.79 3.27 -9.82
C ILE A 204 15.04 2.03 -10.68
N GLN A 205 14.14 1.78 -11.62
CA GLN A 205 14.26 0.65 -12.53
C GLN A 205 15.59 0.68 -13.28
N ASP A 206 15.96 1.87 -13.73
CA ASP A 206 17.21 2.04 -14.48
C ASP A 206 18.41 1.69 -13.62
N THR A 207 18.39 2.12 -12.36
CA THR A 207 19.46 1.82 -11.43
C THR A 207 19.62 0.31 -11.21
N ILE A 208 18.49 -0.39 -11.11
CA ILE A 208 18.52 -1.84 -10.93
C ILE A 208 19.07 -2.55 -12.16
N LEU A 209 18.69 -2.07 -13.34
CA LEU A 209 19.16 -2.65 -14.58
C LEU A 209 20.65 -2.40 -14.80
N ARG A 210 21.13 -1.23 -14.38
CA ARG A 210 22.55 -0.94 -14.45
C ARG A 210 23.30 -1.80 -13.44
N ALA A 211 22.68 -2.04 -12.29
CA ALA A 211 23.27 -2.92 -11.29
C ALA A 211 23.37 -4.33 -11.85
N LEU A 212 22.33 -4.74 -12.58
CA LEU A 212 22.27 -6.08 -13.15
C LEU A 212 23.33 -6.31 -14.22
N GLU A 213 23.43 -5.37 -15.17
CA GLU A 213 24.38 -5.51 -16.27
C GLU A 213 25.80 -5.65 -15.76
N PHE A 214 26.12 -4.92 -14.70
CA PHE A 214 27.45 -4.98 -14.10
C PHE A 214 27.61 -6.29 -13.33
N HIS A 215 26.55 -6.72 -12.65
CA HIS A 215 26.60 -7.95 -11.89
C HIS A 215 26.81 -9.15 -12.80
N LEU A 216 26.17 -9.13 -13.97
CA LEU A 216 26.31 -10.20 -14.95
C LEU A 216 27.72 -10.27 -15.52
N GLN A 217 28.33 -9.11 -15.75
CA GLN A 217 29.69 -9.07 -16.25
C GLN A 217 30.66 -9.67 -15.25
N ALA A 218 30.39 -9.46 -13.97
CA ALA A 218 31.26 -9.96 -12.91
C ALA A 218 30.98 -11.44 -12.63
N ASN A 219 29.69 -11.78 -12.57
CA ASN A 219 29.28 -13.13 -12.20
C ASN A 219 29.27 -14.10 -13.38
N HIS A 220 28.98 -13.59 -14.56
CA HIS A 220 28.94 -14.40 -15.78
C HIS A 220 29.78 -13.78 -16.89
N PRO A 221 31.10 -13.69 -16.68
CA PRO A 221 32.00 -12.96 -17.59
C PRO A 221 32.03 -13.52 -19.01
N ASP A 222 31.82 -14.82 -19.17
CA ASP A 222 31.88 -15.46 -20.48
C ASP A 222 30.52 -15.66 -21.13
N ALA A 223 29.46 -15.32 -20.40
CA ALA A 223 28.10 -15.44 -20.93
C ALA A 223 27.75 -14.24 -21.79
N GLN A 224 28.05 -14.34 -23.08
CA GLN A 224 27.81 -13.24 -24.01
C GLN A 224 26.32 -13.01 -24.26
N TYR A 225 25.97 -11.74 -24.44
CA TYR A 225 24.60 -11.33 -24.73
C TYR A 225 23.61 -11.70 -23.64
N LEU A 226 24.14 -12.04 -22.46
CA LEU A 226 23.28 -12.48 -21.36
C LEU A 226 22.29 -11.39 -20.95
N PHE A 227 22.76 -10.15 -20.88
CA PHE A 227 21.91 -9.06 -20.42
C PHE A 227 20.76 -8.75 -21.39
N PRO A 228 21.06 -8.54 -22.68
CA PRO A 228 19.95 -8.30 -23.60
C PRO A 228 18.99 -9.48 -23.69
N LYS A 229 19.48 -10.69 -23.47
CA LYS A 229 18.62 -11.86 -23.45
C LYS A 229 17.63 -11.78 -22.30
N LEU A 230 18.08 -11.30 -21.15
CA LEU A 230 17.22 -11.19 -19.98
C LEU A 230 16.19 -10.09 -20.15
N LEU A 231 16.53 -9.05 -20.88
CA LEU A 231 15.57 -8.00 -21.19
C LEU A 231 14.45 -8.61 -22.02
N GLN A 232 14.84 -9.46 -22.96
CA GLN A 232 13.86 -10.12 -23.82
C GLN A 232 12.94 -11.03 -23.00
N LYS A 233 13.50 -11.69 -21.99
CA LYS A 233 12.72 -12.57 -21.14
C LYS A 233 11.70 -11.76 -20.33
N MET A 234 12.09 -10.54 -19.94
CA MET A 234 11.17 -9.65 -19.25
C MET A 234 9.99 -9.32 -20.16
N ALA A 235 10.28 -9.13 -21.44
CA ALA A 235 9.23 -8.88 -22.42
C ALA A 235 8.38 -10.14 -22.61
N ASP A 236 9.04 -11.29 -22.66
CA ASP A 236 8.34 -12.56 -22.84
C ASP A 236 7.40 -12.84 -21.68
N LEU A 237 7.79 -12.44 -20.49
CA LEU A 237 6.99 -12.66 -19.28
C LEU A 237 5.69 -11.87 -19.33
N ARG A 238 5.72 -10.70 -19.94
CA ARG A 238 4.52 -9.89 -20.08
C ARG A 238 3.48 -10.60 -20.95
N GLN A 239 3.97 -11.24 -22.02
CA GLN A 239 3.09 -12.00 -22.91
C GLN A 239 2.56 -13.25 -22.21
N LEU A 240 3.42 -13.88 -21.42
CA LEU A 240 3.03 -15.07 -20.68
C LEU A 240 1.90 -14.75 -19.71
N VAL A 241 2.05 -13.63 -19.00
CA VAL A 241 1.03 -13.18 -18.06
C VAL A 241 -0.25 -12.78 -18.77
N THR A 242 -0.11 -12.11 -19.92
CA THR A 242 -1.26 -11.74 -20.74
C THR A 242 -2.06 -12.97 -21.15
N GLU A 243 -1.36 -13.99 -21.64
CA GLU A 243 -2.00 -15.24 -22.02
C GLU A 243 -2.60 -15.94 -20.80
N HIS A 244 -1.91 -15.86 -19.67
CA HIS A 244 -2.39 -16.47 -18.44
C HIS A 244 -3.69 -15.84 -17.97
N ALA A 245 -3.74 -14.51 -18.00
CA ALA A 245 -4.91 -13.77 -17.57
C ALA A 245 -6.12 -14.14 -18.42
N GLN A 246 -5.88 -14.36 -19.71
CA GLN A 246 -6.96 -14.74 -20.62
C GLN A 246 -7.50 -16.12 -20.27
N MET A 247 -6.60 -17.05 -19.96
CA MET A 247 -7.00 -18.39 -19.58
C MET A 247 -7.75 -18.37 -18.25
N MET A 248 -7.30 -17.52 -17.32
CA MET A 248 -7.97 -17.38 -16.04
C MET A 248 -9.37 -16.81 -16.23
N GLN A 249 -9.49 -15.85 -17.15
CA GLN A 249 -10.78 -15.24 -17.44
C GLN A 249 -11.74 -16.27 -18.01
N ARG A 250 -11.25 -17.10 -18.92
CA ARG A 250 -12.01 -18.19 -19.51
C ARG A 250 -12.61 -19.11 -18.45
N ILE A 251 -11.81 -19.37 -17.42
CA ILE A 251 -12.21 -20.27 -16.34
C ILE A 251 -13.32 -19.66 -15.49
N LYS A 252 -13.18 -18.39 -15.13
CA LYS A 252 -14.20 -17.71 -14.36
C LYS A 252 -15.53 -17.71 -15.09
N LYS A 253 -15.49 -17.56 -16.42
CA LYS A 253 -16.70 -17.53 -17.23
C LYS A 253 -17.31 -18.92 -17.38
N THR A 254 -16.49 -19.89 -17.75
CA THR A 254 -16.98 -21.23 -18.07
C THR A 254 -17.17 -22.11 -16.83
N GLU A 255 -16.36 -21.87 -15.80
CA GLU A 255 -16.43 -22.64 -14.56
C GLU A 255 -16.94 -21.78 -13.41
N THR A 256 -18.21 -21.37 -13.49
CA THR A 256 -18.80 -20.48 -12.50
C THR A 256 -18.90 -21.11 -11.11
N GLU A 257 -18.67 -22.41 -11.03
CA GLU A 257 -18.78 -23.13 -9.76
C GLU A 257 -17.53 -22.95 -8.91
N THR A 258 -16.40 -22.67 -9.57
CA THR A 258 -15.11 -22.55 -8.89
C THR A 258 -14.87 -21.13 -8.40
N SER A 259 -14.24 -21.02 -7.22
CA SER A 259 -14.01 -19.74 -6.60
C SER A 259 -12.59 -19.23 -6.83
N LEU A 260 -12.41 -17.92 -6.63
CA LEU A 260 -11.13 -17.27 -6.78
C LEU A 260 -10.78 -16.58 -5.46
N HIS A 261 -9.55 -16.76 -5.01
CA HIS A 261 -9.09 -16.16 -3.76
C HIS A 261 -9.26 -14.64 -3.83
N PRO A 262 -9.77 -14.01 -2.74
CA PRO A 262 -10.09 -12.58 -2.77
C PRO A 262 -8.93 -11.67 -3.18
N LEU A 263 -7.72 -11.98 -2.74
CA LEU A 263 -6.55 -11.20 -3.14
C LEU A 263 -6.34 -11.26 -4.64
N LEU A 264 -6.54 -12.44 -5.21
CA LEU A 264 -6.35 -12.63 -6.65
C LEU A 264 -7.48 -11.95 -7.42
N GLN A 265 -8.68 -11.91 -6.84
CA GLN A 265 -9.78 -11.16 -7.43
C GLN A 265 -9.40 -9.69 -7.61
N GLU A 266 -8.71 -9.15 -6.61
CA GLU A 266 -8.31 -7.75 -6.64
C GLU A 266 -7.24 -7.51 -7.69
N ILE A 267 -6.35 -8.48 -7.86
CA ILE A 267 -5.27 -8.37 -8.85
C ILE A 267 -5.85 -8.40 -10.27
N TYR A 268 -6.84 -9.25 -10.49
CA TYR A 268 -7.48 -9.40 -11.80
C TYR A 268 -8.71 -8.49 -11.97
N LYS A 269 -8.89 -7.52 -11.07
CA LYS A 269 -10.14 -6.76 -11.01
C LYS A 269 -10.53 -6.12 -12.34
N ASP A 270 -9.54 -5.73 -13.13
CA ASP A 270 -9.81 -5.15 -14.45
C ASP A 270 -10.26 -6.23 -15.43
N PRO B 1 -9.68 -8.53 32.72
CA PRO B 1 -8.79 -8.82 31.59
C PRO B 1 -8.87 -7.77 30.49
N GLN B 2 -10.09 -7.42 30.10
CA GLN B 2 -10.33 -6.56 28.95
C GLN B 2 -9.74 -5.17 29.14
N VAL B 3 -10.00 -4.55 30.29
CA VAL B 3 -9.60 -3.17 30.53
C VAL B 3 -8.08 -3.01 30.54
N ALA B 4 -7.38 -3.99 31.10
CA ALA B 4 -5.92 -3.94 31.18
C ALA B 4 -5.30 -4.09 29.80
N ASP B 5 -5.82 -5.01 29.01
CA ASP B 5 -5.30 -5.27 27.67
C ASP B 5 -5.48 -4.06 26.75
N LEU B 6 -6.64 -3.43 26.85
CA LEU B 6 -6.98 -2.30 26.00
C LEU B 6 -6.22 -1.04 26.42
N LYS B 7 -5.94 -0.92 27.71
CA LYS B 7 -5.12 0.19 28.21
C LYS B 7 -3.75 0.13 27.57
N ALA B 8 -3.17 -1.07 27.51
CA ALA B 8 -1.89 -1.28 26.85
C ALA B 8 -1.99 -1.00 25.37
N PHE B 9 -3.09 -1.43 24.77
CA PHE B 9 -3.34 -1.21 23.35
C PHE B 9 -3.37 0.29 23.04
N SER B 10 -4.02 1.05 23.91
CA SER B 10 -4.14 2.50 23.74
C SER B 10 -2.77 3.17 23.77
N LYS B 11 -1.88 2.69 24.63
CA LYS B 11 -0.56 3.28 24.79
C LYS B 11 0.25 3.16 23.51
N HIS B 12 0.10 2.02 22.82
CA HIS B 12 0.80 1.80 21.57
C HIS B 12 0.33 2.75 20.49
N ILE B 13 -0.97 3.01 20.44
CA ILE B 13 -1.54 3.94 19.48
C ILE B 13 -1.04 5.35 19.77
N TYR B 14 -1.00 5.70 21.05
CA TYR B 14 -0.56 7.02 21.48
C TYR B 14 0.91 7.23 21.12
N ASN B 15 1.72 6.20 21.28
CA ASN B 15 3.14 6.29 20.95
C ASN B 15 3.34 6.49 19.45
N ALA B 16 2.47 5.86 18.65
CA ALA B 16 2.52 6.02 17.20
C ALA B 16 2.15 7.46 16.82
N TYR B 17 1.22 8.03 17.58
CA TYR B 17 0.77 9.40 17.40
C TYR B 17 1.91 10.38 17.70
N LEU B 18 2.54 10.22 18.86
CA LEU B 18 3.63 11.09 19.29
C LEU B 18 4.84 10.97 18.36
N LYS B 19 4.96 9.82 17.72
CA LYS B 19 6.13 9.50 16.90
C LYS B 19 6.06 10.09 15.51
N ASN B 20 4.86 10.33 15.00
CA ASN B 20 4.65 10.60 13.58
C ASN B 20 4.05 11.96 13.21
N PHE B 21 3.35 12.60 14.14
CA PHE B 21 2.72 13.89 13.83
C PHE B 21 3.63 15.06 14.18
N ASN B 22 3.65 16.05 13.28
CA ASN B 22 4.54 17.19 13.41
C ASN B 22 4.21 18.05 14.62
N MET B 23 2.92 18.20 14.91
CA MET B 23 2.47 19.04 16.02
C MET B 23 1.36 18.37 16.82
N THR B 24 1.51 18.41 18.14
CA THR B 24 0.50 17.91 19.05
C THR B 24 -0.52 19.01 19.34
N LYS B 25 -1.69 18.62 19.82
CA LYS B 25 -2.68 19.60 20.24
C LYS B 25 -2.14 20.38 21.43
N LYS B 26 -1.36 19.71 22.26
CA LYS B 26 -0.77 20.36 23.44
C LYS B 26 0.10 21.54 23.03
N LYS B 27 0.96 21.33 22.04
CA LYS B 27 1.84 22.41 21.58
C LYS B 27 1.01 23.47 20.88
N ALA B 28 0.07 23.04 20.05
CA ALA B 28 -0.78 23.94 19.27
C ALA B 28 -1.54 24.92 20.18
N ARG B 29 -2.10 24.40 21.27
CA ARG B 29 -2.87 25.23 22.19
C ARG B 29 -1.98 26.24 22.91
N SER B 30 -0.76 25.83 23.27
CA SER B 30 0.16 26.73 23.95
C SER B 30 0.53 27.91 23.06
N ILE B 31 0.55 27.69 21.75
CA ILE B 31 0.86 28.74 20.79
C ILE B 31 -0.34 29.66 20.63
N LEU B 32 -1.52 29.08 20.45
CA LEU B 32 -2.73 29.85 20.19
C LEU B 32 -3.15 30.71 21.39
N THR B 33 -2.68 30.35 22.58
CA THR B 33 -3.07 31.06 23.80
C THR B 33 -1.88 31.81 24.40
N ALA B 40 5.82 34.44 19.39
CA ALA B 40 4.42 34.42 18.97
C ALA B 40 4.34 34.26 17.45
N PRO B 41 3.21 33.72 16.95
CA PRO B 41 3.05 33.47 15.52
C PRO B 41 2.74 34.73 14.71
N PHE B 42 3.28 34.79 13.50
CA PHE B 42 3.07 35.93 12.62
C PHE B 42 1.68 35.88 11.98
N VAL B 43 0.93 36.96 12.12
CA VAL B 43 -0.45 37.00 11.67
C VAL B 43 -0.58 37.33 10.19
N ILE B 44 -1.22 36.42 9.46
CA ILE B 44 -1.51 36.59 8.04
C ILE B 44 -2.98 36.95 7.87
N HIS B 45 -3.25 38.17 7.40
CA HIS B 45 -4.62 38.65 7.28
C HIS B 45 -4.88 39.42 5.99
N ASP B 46 -3.87 39.51 5.13
CA ASP B 46 -4.03 40.18 3.85
C ASP B 46 -2.92 39.78 2.88
N ILE B 47 -2.93 40.35 1.68
CA ILE B 47 -1.93 40.03 0.67
C ILE B 47 -0.53 40.39 1.15
N GLU B 48 -0.38 41.57 1.72
CA GLU B 48 0.93 42.04 2.18
C GLU B 48 1.54 41.09 3.20
N THR B 49 0.77 40.70 4.20
CA THR B 49 1.29 39.85 5.28
C THR B 49 1.54 38.43 4.79
N LEU B 50 0.75 37.96 3.83
CA LEU B 50 1.00 36.64 3.25
C LEU B 50 2.30 36.67 2.45
N TRP B 51 2.54 37.77 1.76
CA TRP B 51 3.77 37.94 1.00
C TRP B 51 4.97 37.96 1.95
N GLN B 52 4.85 38.76 3.01
CA GLN B 52 5.87 38.81 4.04
C GLN B 52 6.05 37.44 4.70
N ALA B 53 4.94 36.71 4.84
CA ALA B 53 4.98 35.38 5.45
C ALA B 53 5.69 34.37 4.55
N GLU B 54 5.43 34.48 3.25
CA GLU B 54 6.03 33.58 2.27
C GLU B 54 7.54 33.81 2.16
N LYS B 55 7.96 35.05 2.40
CA LYS B 55 9.38 35.39 2.37
C LYS B 55 10.06 35.09 3.70
N GLY B 56 9.32 35.28 4.79
CA GLY B 56 9.90 35.26 6.13
C GLY B 56 9.78 33.93 6.86
N LEU B 57 8.63 33.27 6.73
CA LEU B 57 8.39 32.03 7.47
C LEU B 57 9.00 30.81 6.78
N VAL B 58 9.18 29.76 7.57
CA VAL B 58 9.68 28.48 7.06
C VAL B 58 8.51 27.59 6.67
N TRP B 59 8.38 27.34 5.37
CA TRP B 59 7.32 26.47 4.86
C TRP B 59 7.91 25.12 4.48
N LYS B 60 7.23 24.04 4.87
CA LYS B 60 7.71 22.70 4.57
C LYS B 60 7.76 22.50 3.06
N GLN B 61 6.81 23.12 2.36
CA GLN B 61 6.83 23.17 0.90
C GLN B 61 7.31 24.54 0.44
N LEU B 62 8.48 24.58 -0.19
CA LEU B 62 9.03 25.84 -0.69
C LEU B 62 8.10 26.45 -1.73
N VAL B 63 8.01 27.77 -1.75
CA VAL B 63 7.04 28.46 -2.59
C VAL B 63 7.37 28.32 -4.07
N ASN B 64 8.66 28.23 -4.40
CA ASN B 64 9.09 28.05 -5.78
C ASN B 64 8.59 26.72 -6.34
N GLY B 65 8.15 25.83 -5.44
CA GLY B 65 7.62 24.53 -5.83
C GLY B 65 6.16 24.60 -6.28
N LEU B 66 5.43 25.59 -5.78
CA LEU B 66 4.04 25.77 -6.16
C LEU B 66 3.93 26.29 -7.59
N PRO B 67 2.73 26.21 -8.18
CA PRO B 67 2.53 26.82 -9.51
C PRO B 67 2.74 28.33 -9.46
N PRO B 68 3.05 28.95 -10.61
CA PRO B 68 3.30 30.40 -10.63
C PRO B 68 2.11 31.20 -10.11
N TYR B 69 2.39 32.20 -9.28
CA TYR B 69 1.34 33.00 -8.65
C TYR B 69 0.47 33.71 -9.68
N LYS B 70 -0.84 33.55 -9.54
CA LYS B 70 -1.81 34.23 -10.40
C LYS B 70 -2.69 35.16 -9.56
N GLU B 71 -3.42 34.59 -8.60
CA GLU B 71 -4.25 35.38 -7.70
C GLU B 71 -4.20 34.82 -6.29
N ILE B 72 -4.65 35.60 -5.32
CA ILE B 72 -4.50 35.26 -3.92
C ILE B 72 -5.34 34.06 -3.50
N SER B 73 -6.56 33.96 -4.02
CA SER B 73 -7.45 32.87 -3.65
C SER B 73 -6.91 31.52 -4.14
N VAL B 74 -6.30 31.54 -5.32
CA VAL B 74 -5.76 30.32 -5.91
C VAL B 74 -4.47 29.92 -5.23
N HIS B 75 -3.68 30.89 -4.81
CA HIS B 75 -2.44 30.60 -4.08
C HIS B 75 -2.73 29.92 -2.76
N VAL B 76 -3.73 30.43 -2.04
CA VAL B 76 -4.14 29.82 -0.78
C VAL B 76 -4.65 28.40 -1.04
N PHE B 77 -5.46 28.25 -2.08
CA PHE B 77 -5.98 26.94 -2.48
C PHE B 77 -4.83 25.94 -2.64
N TYR B 78 -3.74 26.39 -3.25
CA TYR B 78 -2.56 25.53 -3.42
C TYR B 78 -1.83 25.25 -2.11
N ARG B 79 -1.84 26.22 -1.20
CA ARG B 79 -1.27 26.01 0.13
C ARG B 79 -2.11 25.02 0.93
N CYS B 80 -3.41 25.01 0.67
CA CYS B 80 -4.29 24.04 1.31
C CYS B 80 -3.90 22.63 0.86
N GLN B 81 -3.65 22.47 -0.44
CA GLN B 81 -3.24 21.18 -0.99
C GLN B 81 -1.94 20.71 -0.38
N CYS B 82 -0.96 21.60 -0.30
CA CYS B 82 0.33 21.27 0.28
C CYS B 82 0.20 20.73 1.69
N THR B 83 -0.57 21.45 2.51
CA THR B 83 -0.80 21.07 3.90
C THR B 83 -1.51 19.72 3.97
N THR B 84 -2.47 19.51 3.09
CA THR B 84 -3.21 18.26 3.04
C THR B 84 -2.30 17.09 2.71
N VAL B 85 -1.50 17.24 1.65
CA VAL B 85 -0.59 16.19 1.22
C VAL B 85 0.42 15.84 2.30
N GLU B 86 0.87 16.85 3.05
CA GLU B 86 1.82 16.62 4.13
C GLU B 86 1.15 15.90 5.29
N THR B 87 -0.11 16.21 5.55
CA THR B 87 -0.83 15.57 6.64
C THR B 87 -1.18 14.12 6.28
N VAL B 88 -1.38 13.85 5.00
CA VAL B 88 -1.59 12.48 4.53
C VAL B 88 -0.32 11.65 4.74
N ARG B 89 0.84 12.27 4.51
CA ARG B 89 2.11 11.59 4.74
CA ARG B 89 2.12 11.60 4.74
C ARG B 89 2.22 11.17 6.20
N GLU B 90 1.90 12.09 7.10
CA GLU B 90 1.96 11.82 8.53
C GLU B 90 0.96 10.75 8.95
N LEU B 91 -0.25 10.82 8.42
CA LEU B 91 -1.29 9.84 8.72
C LEU B 91 -0.90 8.45 8.21
N THR B 92 -0.19 8.41 7.08
CA THR B 92 0.29 7.16 6.53
C THR B 92 1.29 6.52 7.48
N GLU B 93 2.24 7.31 7.97
CA GLU B 93 3.26 6.79 8.88
C GLU B 93 2.65 6.43 10.23
N PHE B 94 1.65 7.22 10.66
CA PHE B 94 0.93 6.93 11.88
C PHE B 94 0.26 5.57 11.79
N ALA B 95 -0.43 5.34 10.68
CA ALA B 95 -1.14 4.09 10.46
C ALA B 95 -0.18 2.90 10.41
N LYS B 96 0.94 3.06 9.71
CA LYS B 96 1.90 1.97 9.57
C LYS B 96 2.64 1.68 10.88
N SER B 97 2.60 2.63 11.82
CA SER B 97 3.17 2.40 13.13
C SER B 97 2.17 1.67 14.04
N ILE B 98 0.98 1.38 13.52
CA ILE B 98 -0.01 0.57 14.23
C ILE B 98 0.04 -0.87 13.69
N PRO B 99 0.48 -1.83 14.54
CA PRO B 99 0.71 -3.21 14.06
C PRO B 99 -0.48 -3.84 13.33
N SER B 100 -1.69 -3.65 13.84
CA SER B 100 -2.87 -4.27 13.25
C SER B 100 -3.17 -3.69 11.87
N PHE B 101 -2.74 -2.46 11.63
CA PHE B 101 -2.89 -1.84 10.32
C PHE B 101 -1.82 -2.40 9.38
N SER B 102 -0.60 -2.48 9.86
CA SER B 102 0.52 -2.99 9.07
C SER B 102 0.34 -4.46 8.73
N SER B 103 -0.48 -5.16 9.52
CA SER B 103 -0.73 -6.58 9.30
C SER B 103 -1.70 -6.81 8.14
N LEU B 104 -2.49 -5.78 7.82
CA LEU B 104 -3.41 -5.86 6.70
C LEU B 104 -2.65 -5.97 5.39
N PHE B 105 -3.30 -6.56 4.38
CA PHE B 105 -2.75 -6.57 3.04
C PHE B 105 -2.60 -5.12 2.55
N LEU B 106 -1.56 -4.89 1.76
CA LEU B 106 -1.20 -3.55 1.35
C LEU B 106 -2.33 -2.82 0.62
N ASN B 107 -3.08 -3.54 -0.21
CA ASN B 107 -4.18 -2.92 -0.95
C ASN B 107 -5.29 -2.43 0.00
N ASP B 108 -5.52 -3.15 1.09
CA ASP B 108 -6.50 -2.72 2.08
C ASP B 108 -6.00 -1.50 2.83
N GLN B 109 -4.70 -1.44 3.11
CA GLN B 109 -4.11 -0.27 3.76
C GLN B 109 -4.37 0.99 2.94
N VAL B 110 -4.16 0.87 1.64
CA VAL B 110 -4.37 1.99 0.72
C VAL B 110 -5.85 2.40 0.68
N THR B 111 -6.75 1.42 0.66
CA THR B 111 -8.17 1.70 0.63
C THR B 111 -8.62 2.46 1.88
N LEU B 112 -8.13 2.04 3.04
CA LEU B 112 -8.47 2.71 4.29
C LEU B 112 -7.94 4.14 4.31
N LEU B 113 -6.73 4.36 3.83
CA LEU B 113 -6.15 5.70 3.79
C LEU B 113 -6.89 6.58 2.79
N LYS B 114 -7.15 6.05 1.61
CA LYS B 114 -7.85 6.78 0.56
C LYS B 114 -9.17 7.39 1.04
N TYR B 115 -9.96 6.60 1.77
CA TYR B 115 -11.29 7.03 2.18
C TYR B 115 -11.35 7.55 3.61
N GLY B 116 -10.20 7.54 4.30
CA GLY B 116 -10.14 7.94 5.69
C GLY B 116 -9.37 9.23 6.00
N VAL B 117 -8.41 9.59 5.17
CA VAL B 117 -7.49 10.68 5.52
C VAL B 117 -8.19 12.03 5.67
N HIS B 118 -9.16 12.32 4.80
CA HIS B 118 -9.83 13.62 4.84
C HIS B 118 -10.67 13.78 6.11
N GLU B 119 -11.34 12.70 6.52
CA GLU B 119 -12.06 12.72 7.79
C GLU B 119 -11.08 12.99 8.92
N ALA B 120 -9.95 12.30 8.88
CA ALA B 120 -8.93 12.44 9.92
C ALA B 120 -8.30 13.83 9.89
N ILE B 121 -8.05 14.34 8.69
CA ILE B 121 -7.44 15.65 8.55
C ILE B 121 -8.33 16.73 9.18
N PHE B 122 -9.63 16.67 8.89
CA PHE B 122 -10.56 17.67 9.40
C PHE B 122 -10.72 17.55 10.92
N ALA B 123 -10.53 16.36 11.45
CA ALA B 123 -10.59 16.15 12.89
C ALA B 123 -9.34 16.74 13.57
N MET B 124 -8.19 16.49 12.97
CA MET B 124 -6.92 16.98 13.50
C MET B 124 -6.76 18.47 13.28
N LEU B 125 -7.44 18.99 12.26
CA LEU B 125 -7.41 20.41 11.96
C LEU B 125 -7.85 21.22 13.16
N ALA B 126 -8.86 20.73 13.86
CA ALA B 126 -9.42 21.40 15.02
C ALA B 126 -8.36 21.73 16.06
N SER B 127 -7.34 20.88 16.14
CA SER B 127 -6.27 21.07 17.12
C SER B 127 -5.50 22.37 16.93
N ILE B 128 -5.37 22.81 15.68
CA ILE B 128 -4.60 24.01 15.37
C ILE B 128 -5.50 25.19 14.99
N VAL B 129 -6.76 25.10 15.40
CA VAL B 129 -7.77 26.11 15.06
C VAL B 129 -8.44 26.69 16.30
N ASN B 130 -8.67 28.00 16.28
CA ASN B 130 -9.62 28.62 17.20
C ASN B 130 -10.61 29.44 16.38
N LYS B 131 -11.51 30.14 17.05
CA LYS B 131 -12.59 30.84 16.37
C LYS B 131 -12.07 31.96 15.46
N ASP B 132 -10.83 32.38 15.68
CA ASP B 132 -10.26 33.51 14.96
C ASP B 132 -9.37 33.12 13.79
N GLY B 133 -8.85 31.89 13.79
CA GLY B 133 -7.99 31.47 12.70
C GLY B 133 -7.31 30.13 12.87
N LEU B 134 -6.24 29.95 12.10
CA LEU B 134 -5.58 28.67 11.94
C LEU B 134 -4.07 28.82 11.93
N LEU B 135 -3.37 27.95 12.65
CA LEU B 135 -1.91 27.93 12.62
C LEU B 135 -1.39 27.37 11.31
N VAL B 136 -0.35 28.00 10.77
CA VAL B 136 0.32 27.51 9.56
C VAL B 136 1.83 27.55 9.74
N ALA B 137 2.56 26.94 8.80
CA ALA B 137 4.01 26.94 8.83
C ALA B 137 4.56 26.42 10.16
N ASN B 138 4.03 25.27 10.61
CA ASN B 138 4.50 24.64 11.84
C ASN B 138 4.34 25.56 13.05
N GLY B 139 3.24 26.31 13.09
CA GLY B 139 2.96 27.21 14.19
C GLY B 139 3.68 28.55 14.10
N SER B 140 4.40 28.76 13.01
CA SER B 140 5.12 30.01 12.80
C SER B 140 4.17 31.13 12.38
N GLY B 141 3.05 30.75 11.77
CA GLY B 141 2.09 31.72 11.28
C GLY B 141 0.69 31.44 11.77
N PHE B 142 -0.15 32.47 11.71
CA PHE B 142 -1.55 32.37 12.09
C PHE B 142 -2.39 33.08 11.04
N VAL B 143 -3.05 32.30 10.18
N VAL B 143 -3.07 32.29 10.21
CA VAL B 143 -3.91 32.88 9.16
CA VAL B 143 -3.94 32.82 9.17
C VAL B 143 -5.31 33.10 9.73
C VAL B 143 -5.32 33.10 9.75
N THR B 144 -5.81 34.32 9.58
CA THR B 144 -7.09 34.71 10.17
C THR B 144 -8.27 34.18 9.38
N ARG B 145 -9.30 33.78 10.12
CA ARG B 145 -10.54 33.27 9.56
C ARG B 145 -11.22 34.31 8.66
N GLU B 146 -11.16 35.57 9.09
CA GLU B 146 -11.76 36.65 8.34
C GLU B 146 -11.06 36.85 6.99
N PHE B 147 -9.75 36.68 6.97
CA PHE B 147 -9.00 36.74 5.71
C PHE B 147 -9.43 35.63 4.76
N LEU B 148 -9.60 34.42 5.30
CA LEU B 148 -10.00 33.28 4.48
C LEU B 148 -11.43 33.48 3.95
N ARG B 149 -12.25 34.19 4.71
CA ARG B 149 -13.59 34.54 4.27
C ARG B 149 -13.58 35.53 3.11
N SER B 150 -12.52 36.31 3.00
CA SER B 150 -12.44 37.37 2.00
C SER B 150 -12.01 36.84 0.63
N LEU B 151 -11.60 35.58 0.57
CA LEU B 151 -11.26 34.97 -0.70
C LEU B 151 -12.53 34.84 -1.53
N ARG B 152 -12.42 34.86 -2.85
CA ARG B 152 -13.61 34.77 -3.68
C ARG B 152 -14.17 33.36 -3.67
N LYS B 153 -15.47 33.23 -3.90
CA LYS B 153 -16.07 31.93 -4.14
C LYS B 153 -15.37 31.31 -5.35
N PRO B 154 -15.19 29.99 -5.37
CA PRO B 154 -15.61 28.96 -4.41
C PRO B 154 -14.65 28.73 -3.24
N PHE B 155 -13.55 29.47 -3.17
CA PHE B 155 -12.47 29.13 -2.24
C PHE B 155 -12.74 29.53 -0.80
N SER B 156 -13.56 30.55 -0.59
CA SER B 156 -13.92 30.95 0.77
C SER B 156 -14.93 29.99 1.38
N ASP B 157 -15.85 29.50 0.55
CA ASP B 157 -16.93 28.64 1.03
C ASP B 157 -16.46 27.26 1.47
N ILE B 158 -15.34 26.78 0.92
CA ILE B 158 -14.90 25.42 1.17
C ILE B 158 -14.14 25.31 2.50
N ILE B 159 -13.66 26.45 3.02
CA ILE B 159 -12.89 26.46 4.26
C ILE B 159 -13.76 26.71 5.50
N GLU B 160 -14.75 27.57 5.38
CA GLU B 160 -15.55 28.01 6.53
C GLU B 160 -16.22 26.86 7.31
N PRO B 161 -16.76 25.84 6.60
CA PRO B 161 -17.41 24.74 7.32
C PRO B 161 -16.45 23.99 8.25
N LYS B 162 -15.15 24.05 7.97
CA LYS B 162 -14.17 23.37 8.80
C LYS B 162 -13.99 24.10 10.12
N PHE B 163 -14.02 25.43 10.08
CA PHE B 163 -13.97 26.23 11.30
C PHE B 163 -15.18 25.92 12.17
N GLU B 164 -16.35 25.84 11.55
CA GLU B 164 -17.59 25.62 12.27
C GLU B 164 -17.56 24.28 12.97
N PHE B 165 -17.00 23.27 12.30
CA PHE B 165 -16.86 21.94 12.90
C PHE B 165 -15.84 21.95 14.03
N ALA B 166 -14.72 22.62 13.77
CA ALA B 166 -13.59 22.63 14.70
C ALA B 166 -13.95 23.23 16.06
N VAL B 167 -14.65 24.35 16.05
CA VAL B 167 -14.97 25.04 17.29
C VAL B 167 -15.87 24.18 18.19
N LYS B 168 -16.87 23.53 17.60
CA LYS B 168 -17.73 22.62 18.34
C LYS B 168 -16.94 21.40 18.81
N PHE B 169 -16.02 20.94 17.98
CA PHE B 169 -15.20 19.77 18.31
C PHE B 169 -14.27 20.10 19.49
N ASN B 170 -13.64 21.27 19.43
CA ASN B 170 -12.72 21.71 20.48
C ASN B 170 -13.41 21.91 21.81
N ALA B 171 -14.74 22.05 21.79
CA ALA B 171 -15.50 22.23 23.02
C ALA B 171 -15.56 20.94 23.83
N LEU B 172 -15.29 19.80 23.19
CA LEU B 172 -15.26 18.52 23.88
C LEU B 172 -13.98 18.34 24.68
N GLU B 173 -12.98 19.17 24.36
CA GLU B 173 -11.73 19.23 25.13
C GLU B 173 -10.98 17.91 25.16
N LEU B 174 -10.85 17.26 24.01
CA LEU B 174 -10.02 16.07 23.90
C LEU B 174 -8.55 16.47 24.02
N ASP B 175 -7.73 15.58 24.58
CA ASP B 175 -6.28 15.75 24.57
C ASP B 175 -5.69 14.79 23.55
N ASP B 176 -4.37 14.78 23.45
CA ASP B 176 -3.69 14.02 22.41
C ASP B 176 -3.91 12.50 22.56
N SER B 177 -3.97 12.02 23.80
CA SER B 177 -4.19 10.59 24.04
C SER B 177 -5.56 10.16 23.54
N ASP B 178 -6.55 11.03 23.69
CA ASP B 178 -7.90 10.78 23.16
C ASP B 178 -7.89 10.77 21.64
N LEU B 179 -7.27 11.79 21.05
CA LEU B 179 -7.26 11.96 19.60
C LEU B 179 -6.54 10.82 18.90
N ALA B 180 -5.46 10.33 19.50
CA ALA B 180 -4.72 9.21 18.94
C ALA B 180 -5.65 8.03 18.65
N LEU B 181 -6.51 7.73 19.62
CA LEU B 181 -7.48 6.65 19.49
C LEU B 181 -8.60 7.03 18.51
N PHE B 182 -9.03 8.29 18.59
CA PHE B 182 -10.10 8.79 17.73
C PHE B 182 -9.72 8.75 16.25
N ILE B 183 -8.50 9.20 15.94
CA ILE B 183 -8.01 9.15 14.56
C ILE B 183 -7.82 7.70 14.10
N ALA B 184 -7.28 6.86 14.98
CA ALA B 184 -7.08 5.45 14.66
C ALA B 184 -8.41 4.79 14.28
N ALA B 185 -9.47 5.19 14.97
CA ALA B 185 -10.80 4.65 14.72
C ALA B 185 -11.37 5.12 13.38
N ILE B 186 -10.98 6.32 12.95
CA ILE B 186 -11.43 6.87 11.68
C ILE B 186 -10.78 6.15 10.50
N ILE B 187 -9.48 5.87 10.62
CA ILE B 187 -8.75 5.20 9.55
C ILE B 187 -9.14 3.73 9.44
N LEU B 188 -9.08 3.02 10.57
CA LEU B 188 -9.48 1.62 10.59
C LEU B 188 -11.00 1.50 10.68
N CYS B 189 -11.64 1.65 9.52
CA CYS B 189 -13.09 1.68 9.42
C CYS B 189 -13.55 0.64 8.41
N GLY B 190 -14.44 -0.25 8.84
CA GLY B 190 -14.87 -1.36 8.00
C GLY B 190 -15.88 -0.98 6.92
N ASP B 191 -16.30 0.28 6.90
CA ASP B 191 -17.34 0.72 5.97
C ASP B 191 -16.80 1.20 4.63
N ARG B 192 -15.48 1.28 4.49
CA ARG B 192 -14.90 1.88 3.28
C ARG B 192 -15.20 1.04 2.04
N PRO B 193 -15.46 1.70 0.90
CA PRO B 193 -15.79 0.94 -0.32
C PRO B 193 -14.61 0.15 -0.88
N GLY B 194 -14.87 -1.10 -1.28
CA GLY B 194 -13.87 -1.91 -1.94
C GLY B 194 -12.90 -2.61 -0.99
N LEU B 195 -13.20 -2.60 0.30
CA LEU B 195 -12.38 -3.33 1.27
C LEU B 195 -12.41 -4.81 0.97
N MET B 196 -11.24 -5.44 1.07
CA MET B 196 -11.12 -6.87 0.78
C MET B 196 -11.52 -7.70 2.00
N ASN B 197 -10.93 -7.37 3.15
CA ASN B 197 -11.16 -8.12 4.39
C ASN B 197 -11.96 -7.30 5.40
N VAL B 198 -13.26 -7.20 5.18
CA VAL B 198 -14.13 -6.36 6.01
C VAL B 198 -14.17 -6.82 7.48
N PRO B 199 -14.36 -8.13 7.70
CA PRO B 199 -14.47 -8.60 9.10
C PRO B 199 -13.25 -8.26 9.94
N ARG B 200 -12.06 -8.42 9.35
CA ARG B 200 -10.82 -8.12 10.04
C ARG B 200 -10.76 -6.64 10.44
N VAL B 201 -11.03 -5.76 9.49
CA VAL B 201 -11.00 -4.33 9.74
C VAL B 201 -12.07 -3.93 10.76
N GLU B 202 -13.25 -4.52 10.65
CA GLU B 202 -14.33 -4.26 11.61
C GLU B 202 -13.91 -4.67 13.01
N ALA B 203 -13.16 -5.77 13.10
CA ALA B 203 -12.72 -6.27 14.38
C ALA B 203 -11.69 -5.34 15.01
N ILE B 204 -10.79 -4.82 14.18
CA ILE B 204 -9.78 -3.88 14.65
C ILE B 204 -10.44 -2.57 15.10
N GLN B 205 -11.43 -2.14 14.33
CA GLN B 205 -12.18 -0.93 14.64
C GLN B 205 -12.88 -1.05 15.98
N ASP B 206 -13.45 -2.21 16.23
CA ASP B 206 -14.16 -2.46 17.48
C ASP B 206 -13.22 -2.38 18.67
N THR B 207 -12.04 -2.99 18.53
CA THR B 207 -11.04 -2.96 19.59
C THR B 207 -10.61 -1.54 19.91
N ILE B 208 -10.43 -0.73 18.88
CA ILE B 208 -10.04 0.66 19.08
C ILE B 208 -11.14 1.43 19.80
N LEU B 209 -12.39 1.20 19.41
CA LEU B 209 -13.51 1.90 20.01
C LEU B 209 -13.74 1.50 21.47
N ARG B 210 -13.52 0.23 21.80
CA ARG B 210 -13.62 -0.21 23.19
C ARG B 210 -12.48 0.39 24.02
N ALA B 211 -11.30 0.45 23.42
CA ALA B 211 -10.15 1.07 24.06
C ALA B 211 -10.44 2.54 24.36
N LEU B 212 -11.06 3.21 23.39
CA LEU B 212 -11.44 4.61 23.56
C LEU B 212 -12.47 4.74 24.67
N GLU B 213 -13.47 3.87 24.63
CA GLU B 213 -14.51 3.79 25.65
C GLU B 213 -13.92 3.86 27.05
N PHE B 214 -13.03 2.91 27.34
CA PHE B 214 -12.40 2.82 28.64
C PHE B 214 -11.47 3.99 28.91
N HIS B 215 -10.77 4.44 27.86
CA HIS B 215 -9.83 5.55 27.99
C HIS B 215 -10.52 6.82 28.44
N LEU B 216 -11.72 7.06 27.94
CA LEU B 216 -12.47 8.26 28.27
C LEU B 216 -13.02 8.21 29.70
N GLN B 217 -13.33 7.02 30.18
CA GLN B 217 -13.80 6.86 31.55
C GLN B 217 -12.67 7.16 32.52
N ALA B 218 -11.45 6.80 32.13
CA ALA B 218 -10.28 7.03 32.97
C ALA B 218 -9.77 8.46 32.85
N ASN B 219 -9.79 9.00 31.64
CA ASN B 219 -9.24 10.32 31.35
C ASN B 219 -10.24 11.45 31.56
N HIS B 220 -11.51 11.18 31.24
CA HIS B 220 -12.59 12.15 31.39
C HIS B 220 -13.73 11.59 32.24
N PRO B 221 -13.46 11.36 33.54
CA PRO B 221 -14.43 10.67 34.40
C PRO B 221 -15.75 11.41 34.58
N ASP B 222 -15.74 12.73 34.46
CA ASP B 222 -16.92 13.53 34.72
C ASP B 222 -17.62 14.00 33.44
N ALA B 223 -17.04 13.65 32.29
CA ALA B 223 -17.60 14.04 31.00
C ALA B 223 -18.68 13.06 30.56
N GLN B 224 -19.93 13.39 30.86
CA GLN B 224 -21.06 12.51 30.55
C GLN B 224 -21.39 12.52 29.06
N TYR B 225 -21.75 11.34 28.55
CA TYR B 225 -22.16 11.15 27.16
C TYR B 225 -21.03 11.46 26.17
N LEU B 226 -19.79 11.55 26.64
CA LEU B 226 -18.69 11.93 25.76
C LEU B 226 -18.46 10.90 24.64
N PHE B 227 -18.52 9.62 24.98
CA PHE B 227 -18.23 8.59 23.97
C PHE B 227 -19.27 8.60 22.84
N PRO B 228 -20.57 8.54 23.18
CA PRO B 228 -21.56 8.64 22.11
C PRO B 228 -21.50 9.95 21.33
N LYS B 229 -21.09 11.03 21.99
CA LYS B 229 -20.90 12.30 21.30
C LYS B 229 -19.82 12.17 20.23
N LEU B 230 -18.74 11.47 20.55
CA LEU B 230 -17.63 11.30 19.63
C LEU B 230 -17.99 10.39 18.46
N LEU B 231 -18.83 9.39 18.72
CA LEU B 231 -19.30 8.53 17.65
C LEU B 231 -20.14 9.36 16.67
N GLN B 232 -20.90 10.30 17.21
CA GLN B 232 -21.69 11.20 16.38
C GLN B 232 -20.77 12.11 15.56
N LYS B 233 -19.66 12.53 16.15
CA LYS B 233 -18.71 13.38 15.44
C LYS B 233 -18.10 12.62 14.27
N MET B 234 -17.91 11.31 14.43
CA MET B 234 -17.39 10.50 13.35
C MET B 234 -18.36 10.49 12.19
N ALA B 235 -19.65 10.40 12.51
CA ALA B 235 -20.70 10.46 11.50
C ALA B 235 -20.73 11.84 10.85
N ASP B 236 -20.54 12.88 11.67
CA ASP B 236 -20.52 14.25 11.17
C ASP B 236 -19.36 14.46 10.21
N LEU B 237 -18.22 13.87 10.52
CA LEU B 237 -17.04 14.00 9.68
C LEU B 237 -17.26 13.38 8.30
N ARG B 238 -18.05 12.32 8.24
CA ARG B 238 -18.38 11.70 6.96
C ARG B 238 -19.17 12.68 6.10
N GLN B 239 -20.11 13.39 6.72
CA GLN B 239 -20.93 14.36 6.01
C GLN B 239 -20.11 15.56 5.58
N LEU B 240 -19.14 15.92 6.42
CA LEU B 240 -18.26 17.05 6.14
C LEU B 240 -17.38 16.77 4.93
N VAL B 241 -16.87 15.54 4.85
CA VAL B 241 -16.04 15.13 3.73
C VAL B 241 -16.87 15.01 2.45
N THR B 242 -18.10 14.53 2.59
CA THR B 242 -19.02 14.42 1.46
C THR B 242 -19.25 15.80 0.83
N GLU B 243 -19.55 16.77 1.68
CA GLU B 243 -19.78 18.14 1.22
C GLU B 243 -18.50 18.74 0.65
N HIS B 244 -17.36 18.39 1.26
CA HIS B 244 -16.07 18.88 0.79
C HIS B 244 -15.79 18.37 -0.62
N ALA B 245 -15.98 17.06 -0.83
CA ALA B 245 -15.76 16.45 -2.14
C ALA B 245 -16.63 17.10 -3.21
N GLN B 246 -17.86 17.42 -2.86
CA GLN B 246 -18.79 18.06 -3.79
C GLN B 246 -18.29 19.43 -4.19
N MET B 247 -17.70 20.16 -3.24
CA MET B 247 -17.19 21.49 -3.51
C MET B 247 -15.91 21.40 -4.33
N MET B 248 -15.10 20.38 -4.09
CA MET B 248 -13.90 20.15 -4.90
C MET B 248 -14.30 19.84 -6.33
N GLN B 249 -15.37 19.07 -6.50
CA GLN B 249 -15.89 18.76 -7.83
C GLN B 249 -16.24 20.04 -8.59
N ARG B 250 -16.88 20.98 -7.90
CA ARG B 250 -17.29 22.22 -8.53
C ARG B 250 -16.08 23.09 -8.88
N ILE B 251 -15.05 23.03 -8.04
CA ILE B 251 -13.81 23.76 -8.32
C ILE B 251 -13.14 23.19 -9.57
N LYS B 252 -13.08 21.87 -9.65
CA LYS B 252 -12.52 21.20 -10.82
C LYS B 252 -13.30 21.58 -12.08
N LYS B 253 -14.60 21.78 -11.92
CA LYS B 253 -15.49 22.05 -13.04
C LYS B 253 -15.41 23.50 -13.51
N THR B 254 -15.38 24.43 -12.56
CA THR B 254 -15.51 25.85 -12.86
C THR B 254 -14.17 26.60 -12.85
N GLU B 255 -13.19 26.07 -12.11
CA GLU B 255 -11.85 26.66 -12.07
C GLU B 255 -10.88 25.77 -12.86
N THR B 256 -11.06 25.76 -14.18
CA THR B 256 -10.35 24.81 -15.05
C THR B 256 -8.85 25.08 -15.16
N GLU B 257 -8.42 26.29 -14.81
CA GLU B 257 -7.00 26.65 -14.89
C GLU B 257 -6.22 26.20 -13.65
N THR B 258 -6.94 25.86 -12.57
CA THR B 258 -6.29 25.43 -11.34
C THR B 258 -5.86 23.97 -11.44
N SER B 259 -4.75 23.65 -10.78
CA SER B 259 -4.22 22.28 -10.78
C SER B 259 -4.58 21.56 -9.50
N LEU B 260 -4.49 20.23 -9.53
CA LEU B 260 -4.68 19.40 -8.36
C LEU B 260 -3.47 18.48 -8.21
N HIS B 261 -2.93 18.40 -7.00
CA HIS B 261 -1.76 17.57 -6.71
C HIS B 261 -2.04 16.12 -7.11
N PRO B 262 -1.04 15.45 -7.72
CA PRO B 262 -1.26 14.07 -8.23
C PRO B 262 -1.82 13.10 -7.20
N LEU B 263 -1.35 13.17 -5.97
CA LEU B 263 -1.82 12.27 -4.92
C LEU B 263 -3.29 12.53 -4.60
N LEU B 264 -3.68 13.79 -4.58
CA LEU B 264 -5.07 14.15 -4.30
C LEU B 264 -5.98 13.74 -5.45
N GLN B 265 -5.45 13.76 -6.68
CA GLN B 265 -6.19 13.27 -7.82
C GLN B 265 -6.55 11.79 -7.63
N GLU B 266 -5.59 11.03 -7.09
CA GLU B 266 -5.79 9.59 -6.88
C GLU B 266 -6.83 9.35 -5.79
N ILE B 267 -6.84 10.19 -4.78
CA ILE B 267 -7.82 10.09 -3.69
C ILE B 267 -9.22 10.40 -4.20
N TYR B 268 -9.34 11.39 -5.08
CA TYR B 268 -10.63 11.84 -5.60
C TYR B 268 -11.04 11.15 -6.91
N LYS B 269 -10.38 10.06 -7.26
CA LYS B 269 -10.53 9.48 -8.60
C LYS B 269 -11.94 9.02 -8.96
N ASP B 270 -12.68 8.50 -7.97
CA ASP B 270 -14.01 7.96 -8.23
C ASP B 270 -14.96 9.02 -8.81
C5 B7G C . -4.82 2.58 -6.03
O5 B7G C . -4.52 3.88 -5.43
C1 B7G C . -5.71 4.71 -5.22
C2 B7G C . -6.52 4.84 -6.50
C3 B7G C . -6.91 3.50 -7.00
C4 B7G C . -5.72 2.67 -7.25
C6 B7G C . -3.53 1.95 -6.43
O1 B7G C . -5.30 5.96 -4.75
C7 B7G C . -5.02 6.00 -3.34
C8 B7G C . -4.57 7.42 -2.94
C9 B7G C . -4.32 7.51 -1.42
C10 B7G C . -2.92 6.96 -1.05
C11 B7G C . -2.60 7.34 0.41
C12 B7G C . -1.32 6.63 0.90
O2 B7G C . -7.69 5.64 -6.26
O3 B7G C . -7.68 3.64 -8.23
O4 B7G C . -6.15 1.35 -7.61
O6 B7G C . -2.87 1.51 -5.28
C13 B7G C . -0.09 7.18 0.17
H5 B7G C . -5.25 2.01 -5.36
H1 B7G C . -6.27 4.28 -4.54
H2 B7G C . -5.97 5.29 -7.18
H3 B7G C . -7.47 3.07 -6.33
H4 B7G C . -5.21 3.05 -8.00
H61 B7G C . -3.70 1.19 -7.03
H62 B7G C . -2.96 2.61 -6.90
H71 B7G C . -5.82 5.75 -2.84
H72 B7G C . -4.29 5.35 -3.14
H81 B7G C . -3.75 7.64 -3.42
H82 B7G C . -5.28 8.05 -3.18
H91 B7G C . -4.37 8.44 -1.15
H92 B7G C . -5.00 7.00 -0.95
H101 B7G C . -2.90 6.00 -1.17
H102 B7G C . -2.24 7.36 -1.64
H111 B7G C . -2.49 8.31 0.49
H112 B7G C . -3.35 7.05 0.97
H121 B7G C . -1.20 6.79 1.86
H122 B7G C . -1.39 5.67 0.74
HO2 B7G C . -7.51 6.49 -6.46
HO3 B7G C . -8.42 3.15 -8.17
HO4 B7G C . -6.38 1.33 -8.48
HO6 B7G C . -2.02 1.74 -5.31
H131 B7G C . 0.03 8.13 0.38
H132 B7G C . 0.71 6.69 0.46
H133 B7G C . -0.20 7.07 -0.79
C1 PGO D . -9.55 -20.35 -3.37
C2 PGO D . -10.46 -19.87 -2.26
C3 PGO D . -11.52 -18.96 -2.82
O1 PGO D . -8.35 -20.86 -2.80
O2 PGO D . -9.70 -19.16 -1.30
H11 PGO D . -9.99 -21.06 -3.87
H12 PGO D . -9.34 -19.61 -3.96
H2 PGO D . -10.88 -20.64 -1.83
H31 PGO D . -11.34 -18.04 -2.55
H32 PGO D . -11.51 -19.02 -3.80
H33 PGO D . -12.40 -19.23 -2.50
HO1 PGO D . -7.83 -21.16 -3.46
HO2 PGO D . -10.15 -19.14 -0.54
C1 PEG E . 8.96 -3.83 -22.94
O1 PEG E . 7.86 -4.35 -23.66
C2 PEG E . 9.55 -4.93 -22.05
O2 PEG E . 10.37 -4.35 -21.04
C3 PEG E . 11.79 -4.38 -21.29
C4 PEG E . 12.50 -4.31 -20.02
O4 PEG E . 12.78 -2.97 -19.71
H11 PEG E . 8.66 -3.08 -22.39
H12 PEG E . 9.65 -3.51 -23.57
HO1 PEG E . 7.51 -3.72 -24.16
H21 PEG E . 10.09 -5.53 -22.59
H22 PEG E . 8.82 -5.43 -21.63
H31 PEG E . 12.04 -3.62 -21.84
H32 PEG E . 12.03 -5.21 -21.74
H41 PEG E . 11.95 -4.70 -19.32
H42 PEG E . 13.32 -4.80 -20.08
HO4 PEG E . 13.10 -2.93 -18.94
C1 PGO F . 21.04 -3.70 -24.77
C2 PGO F . 21.37 -3.34 -26.20
C3 PGO F . 20.17 -2.67 -26.82
O1 PGO F . 20.58 -2.55 -24.10
O2 PGO F . 21.68 -4.52 -26.92
H11 PGO F . 20.34 -4.39 -24.75
H12 PGO F . 21.84 -4.03 -24.32
H2 PGO F . 22.14 -2.74 -26.22
H31 PGO F . 20.23 -1.72 -26.68
H32 PGO F . 20.15 -2.87 -27.78
H33 PGO F . 19.35 -3.01 -26.41
HO1 PGO F . 20.30 -2.76 -23.29
HO2 PGO F . 21.97 -4.30 -27.73
C4 7T1 G . 0.93 -25.98 -6.99
C5 7T1 G . 0.90 -25.86 -8.38
C6 7T1 G . -0.26 -29.54 -6.46
C7 7T1 G . 1.31 -24.55 -8.97
C8 7T1 G . 1.94 -22.33 -9.23
C10 7T1 G . 2.26 -20.93 -8.78
C13 7T1 G . -1.69 -21.77 -12.44
C15 7T1 G . -1.30 -19.36 -11.13
C17 7T1 G . -2.77 -21.11 -11.88
C20 7T1 G . -3.37 -16.90 -10.31
O2 7T1 G . -3.08 -15.93 -9.57
O1 7T1 G . -3.51 -16.78 -11.54
C19 7T1 G . -3.58 -18.25 -9.67
O 7T1 G . -3.68 -19.27 -10.67
C16 7T1 G . -2.58 -19.90 -11.21
C18 7T1 G . -4.14 -21.74 -11.99
C14 7T1 G . -0.22 -20.03 -11.70
C12 7T1 G . -0.41 -21.24 -12.36
S1 7T1 G . 0.89 -22.06 -13.06
C11 7T1 G . 2.27 -22.11 -11.97
C9 7T1 G . 1.95 -22.79 -10.66
S 7T1 G . 1.52 -24.46 -10.69
N 7T1 G . 1.57 -23.35 -8.38
C 7T1 G . 0.49 -26.94 -9.15
C3 7T1 G . 0.56 -27.17 -6.38
C2 7T1 G . 0.15 -28.25 -7.15
C1 7T1 G . 0.11 -28.14 -8.53
F 7T1 G . -0.20 -30.55 -7.31
F1 7T1 G . 0.56 -29.75 -5.44
F2 7T1 G . -1.49 -29.42 -6.02
H3 7T1 G . 1.24 -25.14 -6.39
H5 7T1 G . 2.51 -20.34 -9.63
H6 7T1 G . 3.08 -20.96 -8.12
H4 7T1 G . 1.42 -20.51 -8.30
H9 7T1 G . -1.85 -22.72 -12.96
H11 7T1 G . -1.15 -18.42 -10.61
H16 7T1 G . -4.49 -18.24 -9.07
H15 7T1 G . -2.75 -18.47 -9.00
H12 7T1 G . -4.85 -21.12 -11.51
H14 7T1 G . -4.13 -22.69 -11.53
H13 7T1 G . -4.40 -21.84 -13.01
H10 7T1 G . 0.78 -19.60 -11.63
H7 7T1 G . 2.62 -21.09 -11.77
H8 7T1 G . 3.10 -22.64 -12.46
H 7T1 G . 0.47 -26.86 -10.23
H2 7T1 G . 0.57 -27.25 -5.30
H1 7T1 G . -0.20 -28.98 -9.14
C5 B7G H . -6.21 -1.09 -4.94
O5 B7G H . -5.90 -2.51 -4.75
C1 B7G H . -5.92 -3.25 -6.02
C2 B7G H . -7.26 -3.09 -6.72
C3 B7G H . -7.56 -1.65 -6.93
C4 B7G H . -7.55 -0.92 -5.65
C6 B7G H . -6.20 -0.39 -3.62
O1 B7G H . -5.64 -4.59 -5.78
C7 B7G H . -4.23 -4.86 -5.81
C8 B7G H . -3.95 -6.30 -5.34
C9 B7G H . -2.43 -6.53 -5.26
C10 B7G H . -1.95 -6.41 -3.79
C11 B7G H . -0.56 -7.07 -3.62
C12 B7G H . 0.11 -6.58 -2.33
O2 B7G H . -7.20 -3.77 -7.99
O3 B7G H . -8.87 -1.51 -7.56
O4 B7G H . -7.79 0.47 -5.90
O6 B7G H . -6.88 -1.16 -2.66
C13 B7G H . -0.75 -6.94 -1.09
H5 B7G H . -5.51 -0.69 -5.50
H1 B7G H . -5.22 -2.88 -6.59
H2 B7G H . -7.96 -3.49 -6.18
H3 B7G H . -6.89 -1.28 -7.52
H4 B7G H . -8.26 -1.26 -5.07
H61 B7G H . -5.29 -0.24 -3.34
H62 B7G H . -6.65 0.48 -3.71
H71 B7G H . -3.77 -4.24 -5.20
H72 B7G H . -3.88 -4.73 -6.72
H81 B7G H . -4.35 -6.94 -5.96
H82 B7G H . -4.34 -6.42 -4.45
H91 B7G H . -2.23 -7.44 -5.58
H92 B7G H . -1.95 -5.88 -5.82
H101 B7G H . -1.90 -5.47 -3.54
H102 B7G H . -2.59 -6.87 -3.20
H111 B7G H . -0.66 -8.05 -3.61
H112 B7G H . 0.00 -6.80 -4.39
H121 B7G H . 0.22 -5.62 -2.36
H122 B7G H . 0.99 -7.00 -2.24
HO2 B7G H . -7.57 -4.59 -7.90
HO3 B7G H . -8.81 -0.92 -8.24
HO4 B7G H . -8.67 0.61 -6.04
HO6 B7G H . -6.76 -0.80 -1.86
H131 B7G H . -0.82 -7.93 -1.02
H132 B7G H . -0.34 -6.59 -0.29
H133 B7G H . -1.64 -6.56 -1.20
C1 PEG I . -19.88 5.99 13.34
O1 PEG I . -19.25 4.73 13.51
C2 PEG I . -20.02 6.30 11.84
O2 PEG I . -21.15 5.63 11.31
C3 PEG I . -21.77 6.31 10.19
C4 PEG I . -22.73 5.41 9.56
O4 PEG I . -23.19 6.00 8.38
H11 PEG I . -20.77 5.96 13.75
H12 PEG I . -19.34 6.70 13.77
HO1 PEG I . -18.94 4.67 14.33
H21 PEG I . -20.13 7.26 11.73
H22 PEG I . -19.22 6.02 11.38
H31 PEG I . -22.23 7.10 10.51
H32 PEG I . -21.09 6.57 9.56
H41 PEG I . -23.46 5.25 10.16
H42 PEG I . -22.29 4.58 9.35
HO4 PEG I . -23.83 5.56 8.08
C4 7T1 J . -3.35 26.38 4.57
C5 7T1 J . -4.73 26.48 4.70
C6 7T1 J . -2.35 29.98 3.97
C7 7T1 J . -5.50 25.23 4.95
C8 7T1 J . -6.11 23.01 5.24
C10 7T1 J . -5.89 21.51 5.30
C13 7T1 J . -9.37 23.27 1.77
C15 7T1 J . -8.44 20.66 1.82
C17 7T1 J . -8.91 22.67 0.59
C20 7T1 J . -8.00 18.37 -0.58
O2 7T1 J . -7.40 17.27 -0.53
O1 7T1 J . -9.23 18.46 -0.62
C19 7T1 J . -7.16 19.64 -0.61
O 7T1 J . -8.00 20.79 -0.55
C16 7T1 J . -8.44 21.36 0.62
C18 7T1 J . -8.93 23.48 -0.68
C14 7T1 J . -8.90 21.26 2.99
C12 7T1 J . -9.36 22.57 2.97
S1 7T1 J . -9.93 23.32 4.38
C11 7T1 J . -8.82 23.16 5.74
C9 7T1 J . -7.44 23.67 5.43
S 7T1 J . -7.21 25.38 5.27
N 7T1 J . -5.12 23.92 4.97
C 7T1 J . -5.34 27.73 4.59
C3 7T1 J . -2.58 27.51 4.33
C2 7T1 J . -3.18 28.76 4.23
C1 7T1 J . -4.56 28.87 4.36
F 7T1 J . -3.01 31.07 4.27
F1 7T1 J . -1.24 29.93 4.70
F2 7T1 J . -2.00 30.02 2.69
H3 7T1 J . -2.87 25.42 4.65
H5 7T1 J . -5.51 21.17 4.37
H6 7T1 J . -6.80 21.04 5.51
H4 7T1 J . -5.19 21.30 6.06
H9 7T1 J . -9.72 24.29 1.75
H11 7T1 J . -8.07 19.64 1.85
H16 7T1 J . -6.57 19.67 -1.52
H15 7T1 J . -6.48 19.64 0.24
H12 7T1 J . -8.33 24.34 -0.56
H14 7T1 J . -9.92 23.77 -0.89
H13 7T1 J . -8.55 22.89 -1.48
H10 7T1 J . -8.89 20.70 3.92
H7 7T1 J . -9.23 23.72 6.59
H8 7T1 J . -8.76 22.11 6.03
H 7T1 J . -6.42 27.83 4.69
H2 7T1 J . -1.50 27.43 4.23
H1 7T1 J . -5.04 29.83 4.28
#